data_8OUU
#
_entry.id   8OUU
#
_cell.length_a   53.626
_cell.length_b   56.738
_cell.length_c   214.771
_cell.angle_alpha   90
_cell.angle_beta   90
_cell.angle_gamma   90
#
_symmetry.space_group_name_H-M   'P 21 21 21'
#
loop_
_entity.id
_entity.type
_entity.pdbx_description
1 polymer 'Hepatocyte growth factor receptor'
2 non-polymer GLYCEROL
3 non-polymer 1,2-ETHANEDIOL
4 non-polymer 'FORMIC ACID'
5 non-polymer 5-(3-ethynyl-5-fluoranyl-1H-indazol-7-yl)-1-[(1S)-1-phenylethyl]pyrimidine-2,4-dione
6 water water
#
_entity_poly.entity_id   1
_entity_poly.type   'polypeptide(L)'
_entity_poly.pdbx_seq_one_letter_code
;GDSDISSPLLQNTVHIDLSALNPELVQAVQHVVIGPSSLIVHFNEVIGRGHFGCVYHGTLLDNDGKKIHCAVKSLNRITD
IGEVSQFLTEGIIMKDFSHPNVLSLLGICLRSEGSPLVVLPYMKHGDLRNFIRNETHNPTVKDLIGFGLQVAKGMKYLAS
KKFVHRDLAARNCMLDEKFTVKVADFGLARVMYDKEYYSVHNKTGAKLPVKWMALESLQTQKFTTKSDVWSFGVLLWELM
TRGAPPYPDVNTFDITVYLLQGRRLLQPEYCPDPLYEVMLKCWHPKAEMRPSFSELVSRISAIFSTFIG
;
_entity_poly.pdbx_strand_id   A,B
#
# COMPACT_ATOMS: atom_id res chain seq x y z
N ASN A 22 -12.15 4.32 -15.40
CA ASN A 22 -11.56 3.00 -15.63
C ASN A 22 -11.87 2.14 -14.40
N PRO A 23 -12.66 1.07 -14.57
CA PRO A 23 -13.05 0.24 -13.42
C PRO A 23 -11.91 -0.42 -12.64
N GLU A 24 -10.79 -0.75 -13.30
CA GLU A 24 -9.65 -1.36 -12.58
C GLU A 24 -9.02 -0.34 -11.63
N LEU A 25 -8.91 0.92 -12.07
CA LEU A 25 -8.38 2.01 -11.25
C LEU A 25 -9.30 2.26 -10.06
N VAL A 26 -10.62 2.20 -10.27
CA VAL A 26 -11.59 2.36 -9.18
C VAL A 26 -11.40 1.27 -8.12
N GLN A 27 -11.19 0.02 -8.54
CA GLN A 27 -10.98 -1.06 -7.56
C GLN A 27 -9.64 -0.92 -6.85
N ALA A 28 -8.58 -0.57 -7.59
CA ALA A 28 -7.21 -0.42 -7.03
C ALA A 28 -7.11 0.68 -5.98
N VAL A 29 -7.88 1.76 -6.15
CA VAL A 29 -7.81 2.90 -5.22
C VAL A 29 -8.65 2.73 -3.94
N GLN A 30 -9.57 1.74 -3.88
CA GLN A 30 -10.46 1.60 -2.73
C GLN A 30 -9.79 1.61 -1.37
N HIS A 31 -8.63 0.97 -1.25
CA HIS A 31 -7.88 0.92 0.00
C HIS A 31 -7.32 2.27 0.46
N VAL A 32 -7.34 3.29 -0.39
CA VAL A 32 -6.87 4.64 -0.10
C VAL A 32 -8.02 5.54 0.38
N VAL A 33 -9.27 5.17 0.05
CA VAL A 33 -10.43 6.00 0.31
C VAL A 33 -10.84 6.01 1.77
N ILE A 34 -11.04 7.22 2.30
CA ILE A 34 -11.52 7.54 3.63
C ILE A 34 -12.84 8.32 3.41
N GLY A 35 -13.85 7.98 4.19
CA GLY A 35 -15.14 8.65 4.05
C GLY A 35 -15.70 9.11 5.37
N PRO A 36 -16.98 9.51 5.33
CA PRO A 36 -17.64 9.99 6.57
C PRO A 36 -17.76 8.98 7.71
N SER A 37 -17.54 7.67 7.44
CA SER A 37 -17.55 6.67 8.52
C SER A 37 -16.36 6.79 9.45
N SER A 38 -15.30 7.58 9.08
CA SER A 38 -14.18 7.71 10.01
C SER A 38 -13.57 9.10 10.04
N LEU A 39 -13.89 9.98 9.10
CA LEU A 39 -13.28 11.31 9.07
C LEU A 39 -14.26 12.42 9.25
N ILE A 40 -13.90 13.40 10.08
CA ILE A 40 -14.68 14.62 10.25
C ILE A 40 -13.77 15.77 9.84
N VAL A 41 -14.16 16.50 8.80
CA VAL A 41 -13.39 17.63 8.34
C VAL A 41 -13.97 18.87 9.02
N HIS A 42 -13.11 19.62 9.70
CA HIS A 42 -13.55 20.81 10.39
C HIS A 42 -13.37 21.95 9.41
N PHE A 43 -14.35 22.12 8.51
CA PHE A 43 -14.32 23.11 7.41
C PHE A 43 -14.24 24.57 7.90
N ASN A 44 -14.53 24.83 9.17
CA ASN A 44 -14.40 26.18 9.73
C ASN A 44 -13.10 26.39 10.50
N GLU A 45 -12.16 25.44 10.42
CA GLU A 45 -10.89 25.49 11.09
C GLU A 45 -9.84 25.37 9.99
N VAL A 46 -9.60 26.49 9.29
CA VAL A 46 -8.62 26.57 8.22
C VAL A 46 -7.20 26.70 8.78
N ILE A 47 -6.34 25.72 8.48
CA ILE A 47 -4.92 25.70 8.84
C ILE A 47 -4.16 26.61 7.85
N GLY A 48 -4.52 26.57 6.57
CA GLY A 48 -3.81 27.33 5.55
C GLY A 48 -4.55 27.43 4.24
N ARG A 49 -4.20 28.41 3.43
CA ARG A 49 -4.83 28.63 2.13
C ARG A 49 -3.75 28.81 1.09
N GLY A 50 -3.88 28.12 -0.02
CA GLY A 50 -2.94 28.24 -1.13
C GLY A 50 -3.67 28.29 -2.46
N HIS A 51 -2.91 28.33 -3.56
CA HIS A 51 -3.50 28.35 -4.91
CA HIS A 51 -3.51 28.35 -4.90
C HIS A 51 -4.22 27.03 -5.22
N PHE A 52 -3.79 25.93 -4.57
CA PHE A 52 -4.40 24.62 -4.77
C PHE A 52 -5.79 24.50 -4.14
N GLY A 53 -6.06 25.28 -3.09
CA GLY A 53 -7.28 25.22 -2.31
C GLY A 53 -6.97 25.58 -0.87
N CYS A 54 -7.56 24.86 0.08
CA CYS A 54 -7.36 25.10 1.50
C CYS A 54 -6.86 23.86 2.23
N VAL A 55 -6.34 24.06 3.42
CA VAL A 55 -5.95 22.99 4.33
C VAL A 55 -6.83 23.21 5.60
N TYR A 56 -7.53 22.18 6.04
CA TYR A 56 -8.42 22.25 7.19
C TYR A 56 -7.95 21.30 8.26
N HIS A 57 -8.32 21.57 9.54
CA HIS A 57 -8.07 20.59 10.60
C HIS A 57 -9.10 19.46 10.36
N GLY A 58 -8.68 18.23 10.62
CA GLY A 58 -9.55 17.07 10.48
C GLY A 58 -9.32 16.14 11.66
N THR A 59 -10.30 15.26 11.92
CA THR A 59 -10.18 14.26 12.98
C THR A 59 -10.56 12.92 12.37
N LEU A 60 -9.73 11.91 12.56
CA LEU A 60 -9.99 10.58 12.03
C LEU A 60 -10.18 9.66 13.24
N LEU A 61 -11.29 8.89 13.27
CA LEU A 61 -11.54 7.98 14.38
C LEU A 61 -11.19 6.57 13.98
N ASP A 62 -10.36 5.88 14.77
CA ASP A 62 -10.05 4.48 14.47
C ASP A 62 -11.19 3.56 15.00
N ASN A 63 -11.07 2.22 14.87
CA ASN A 63 -12.13 1.29 15.31
C ASN A 63 -12.43 1.34 16.82
N ASP A 64 -11.44 1.69 17.66
CA ASP A 64 -11.68 1.80 19.10
C ASP A 64 -12.12 3.21 19.52
N GLY A 65 -12.46 4.09 18.58
CA GLY A 65 -12.84 5.45 18.91
C GLY A 65 -11.69 6.38 19.26
N LYS A 66 -10.45 5.97 18.98
CA LYS A 66 -9.29 6.83 19.24
C LYS A 66 -9.24 7.93 18.15
N LYS A 67 -8.97 9.17 18.56
CA LYS A 67 -8.92 10.30 17.64
C LYS A 67 -7.53 10.57 17.12
N ILE A 68 -7.42 10.80 15.81
CA ILE A 68 -6.16 11.06 15.12
C ILE A 68 -6.29 12.44 14.50
N HIS A 69 -5.44 13.39 14.90
CA HIS A 69 -5.50 14.75 14.36
C HIS A 69 -4.89 14.71 12.97
N CYS A 70 -5.61 15.22 11.97
CA CYS A 70 -5.06 15.27 10.64
C CYS A 70 -5.26 16.65 9.99
N ALA A 71 -4.56 16.86 8.87
CA ALA A 71 -4.68 18.05 8.04
C ALA A 71 -5.34 17.55 6.78
N VAL A 72 -6.32 18.28 6.27
CA VAL A 72 -7.06 17.86 5.09
C VAL A 72 -6.90 18.90 4.00
N LYS A 73 -6.16 18.55 2.96
CA LYS A 73 -5.87 19.47 1.87
C LYS A 73 -6.81 19.26 0.70
N SER A 74 -7.51 20.31 0.26
CA SER A 74 -8.38 20.21 -0.91
C SER A 74 -7.59 20.50 -2.18
N LEU A 75 -7.89 19.80 -3.28
CA LEU A 75 -7.20 20.01 -4.54
C LEU A 75 -8.25 20.52 -5.52
N ASN A 76 -8.51 21.83 -5.49
CA ASN A 76 -9.54 22.51 -6.29
C ASN A 76 -9.45 22.33 -7.78
N ARG A 77 -8.24 22.18 -8.35
CA ARG A 77 -8.04 21.99 -9.79
C ARG A 77 -8.60 20.66 -10.29
N ILE A 78 -8.65 19.63 -9.43
CA ILE A 78 -9.10 18.31 -9.84
C ILE A 78 -10.61 18.23 -10.07
N THR A 79 -11.04 18.29 -11.32
CA THR A 79 -12.49 18.25 -11.64
C THR A 79 -12.90 17.29 -12.75
N ASP A 80 -12.14 17.23 -13.85
CA ASP A 80 -12.52 16.36 -14.96
C ASP A 80 -12.00 14.92 -14.79
N ILE A 81 -12.55 13.98 -15.56
CA ILE A 81 -12.25 12.54 -15.47
C ILE A 81 -10.73 12.22 -15.58
N GLY A 82 -10.01 12.91 -16.45
CA GLY A 82 -8.56 12.72 -16.58
C GLY A 82 -7.80 13.14 -15.32
N GLU A 83 -8.15 14.32 -14.79
CA GLU A 83 -7.53 14.81 -13.57
C GLU A 83 -7.85 13.91 -12.40
N VAL A 84 -9.12 13.47 -12.29
CA VAL A 84 -9.55 12.60 -11.21
C VAL A 84 -8.85 11.24 -11.27
N SER A 85 -8.64 10.70 -12.48
CA SER A 85 -7.92 9.43 -12.65
C SER A 85 -6.47 9.57 -12.18
N GLN A 86 -5.83 10.69 -12.53
CA GLN A 86 -4.47 10.97 -12.11
C GLN A 86 -4.40 11.12 -10.59
N PHE A 87 -5.43 11.71 -9.97
CA PHE A 87 -5.49 11.90 -8.53
C PHE A 87 -5.54 10.52 -7.84
N LEU A 88 -6.39 9.61 -8.36
CA LEU A 88 -6.50 8.26 -7.85
C LEU A 88 -5.19 7.51 -8.00
N THR A 89 -4.51 7.64 -9.16
CA THR A 89 -3.20 7.04 -9.37
C THR A 89 -2.19 7.56 -8.34
N GLU A 90 -2.15 8.88 -8.15
CA GLU A 90 -1.24 9.48 -7.15
C GLU A 90 -1.53 8.97 -5.74
N GLY A 91 -2.82 8.82 -5.38
CA GLY A 91 -3.19 8.31 -4.06
C GLY A 91 -2.67 6.90 -3.86
N ILE A 92 -2.78 6.05 -4.90
CA ILE A 92 -2.28 4.66 -4.80
C ILE A 92 -0.77 4.68 -4.55
N ILE A 93 -0.06 5.51 -5.29
CA ILE A 93 1.40 5.62 -5.20
C ILE A 93 1.80 6.11 -3.81
N MET A 94 1.20 7.20 -3.35
CA MET A 94 1.56 7.80 -2.08
C MET A 94 1.04 7.06 -0.86
N LYS A 95 -0.05 6.25 -1.00
CA LYS A 95 -0.52 5.45 0.13
C LYS A 95 0.53 4.43 0.58
N ASP A 96 1.41 4.00 -0.32
CA ASP A 96 2.49 3.05 -0.03
C ASP A 96 3.62 3.70 0.79
N PHE A 97 3.74 5.05 0.79
CA PHE A 97 4.85 5.70 1.51
C PHE A 97 4.87 5.35 3.00
N SER A 98 6.03 4.85 3.47
CA SER A 98 6.28 4.50 4.86
C SER A 98 7.76 4.74 5.16
N HIS A 99 8.08 5.94 5.60
CA HIS A 99 9.46 6.31 5.94
C HIS A 99 9.41 7.41 6.97
N PRO A 100 10.29 7.41 7.98
CA PRO A 100 10.25 8.45 9.01
C PRO A 100 10.36 9.89 8.54
N ASN A 101 10.97 10.12 7.37
CA ASN A 101 11.14 11.48 6.89
C ASN A 101 10.29 11.81 5.67
N VAL A 102 9.20 11.08 5.48
CA VAL A 102 8.25 11.30 4.41
C VAL A 102 6.86 11.35 5.06
N LEU A 103 6.09 12.40 4.72
CA LEU A 103 4.73 12.56 5.25
C LEU A 103 3.87 11.48 4.64
N SER A 104 3.22 10.68 5.49
CA SER A 104 2.35 9.62 5.04
C SER A 104 1.07 10.16 4.44
N LEU A 105 0.45 9.36 3.58
CA LEU A 105 -0.86 9.70 3.03
C LEU A 105 -1.83 8.83 3.83
N LEU A 106 -2.68 9.46 4.65
CA LEU A 106 -3.65 8.68 5.44
C LEU A 106 -4.74 8.14 4.55
N GLY A 107 -5.18 8.94 3.62
CA GLY A 107 -6.17 8.53 2.65
C GLY A 107 -6.62 9.71 1.83
N ILE A 108 -7.57 9.46 0.93
CA ILE A 108 -8.15 10.49 0.09
C ILE A 108 -9.68 10.41 0.22
N CYS A 109 -10.37 11.51 -0.07
CA CYS A 109 -11.84 11.58 -0.05
CA CYS A 109 -11.81 11.54 -0.02
C CYS A 109 -12.30 12.02 -1.39
N LEU A 110 -13.13 11.23 -2.04
CA LEU A 110 -13.68 11.63 -3.33
C LEU A 110 -15.16 11.75 -3.06
N ARG A 111 -15.59 12.94 -2.69
CA ARG A 111 -16.96 13.19 -2.35
C ARG A 111 -17.78 13.33 -3.61
N SER A 112 -19.05 12.94 -3.51
CA SER A 112 -20.02 13.11 -4.59
C SER A 112 -20.18 14.63 -4.88
N GLU A 113 -20.17 15.44 -3.81
CA GLU A 113 -20.30 16.89 -3.81
C GLU A 113 -19.11 17.48 -3.06
N GLY A 114 -18.24 18.20 -3.79
CA GLY A 114 -17.05 18.83 -3.21
C GLY A 114 -15.78 18.48 -3.97
N SER A 115 -14.72 19.29 -3.81
CA SER A 115 -13.44 19.04 -4.48
C SER A 115 -12.68 17.86 -3.80
N PRO A 116 -11.80 17.09 -4.51
CA PRO A 116 -11.13 15.96 -3.84
C PRO A 116 -10.32 16.40 -2.62
N LEU A 117 -10.21 15.54 -1.59
CA LEU A 117 -9.48 15.88 -0.39
C LEU A 117 -8.35 14.90 -0.13
N VAL A 118 -7.21 15.42 0.38
CA VAL A 118 -6.05 14.62 0.72
C VAL A 118 -5.96 14.64 2.25
N VAL A 119 -5.82 13.48 2.87
CA VAL A 119 -5.81 13.38 4.33
C VAL A 119 -4.44 13.04 4.76
N LEU A 120 -3.83 13.94 5.52
CA LEU A 120 -2.45 13.83 5.97
C LEU A 120 -2.37 13.88 7.48
N PRO A 121 -1.29 13.30 8.05
CA PRO A 121 -1.07 13.44 9.49
C PRO A 121 -0.80 14.88 9.85
N TYR A 122 -1.41 15.36 10.94
CA TYR A 122 -1.21 16.74 11.39
C TYR A 122 0.23 16.94 11.83
N MET A 123 0.82 18.09 11.50
CA MET A 123 2.21 18.40 11.83
C MET A 123 2.24 19.55 12.80
N LYS A 124 2.44 19.21 14.08
CA LYS A 124 2.38 20.14 15.20
C LYS A 124 3.22 21.41 15.02
N HIS A 125 4.43 21.27 14.47
CA HIS A 125 5.31 22.42 14.34
C HIS A 125 5.35 23.07 12.95
N GLY A 126 4.35 22.76 12.12
CA GLY A 126 4.18 23.35 10.79
C GLY A 126 5.33 23.11 9.83
N ASP A 127 5.52 24.02 8.90
CA ASP A 127 6.58 23.87 7.90
C ASP A 127 7.96 24.36 8.37
N LEU A 128 8.98 23.75 7.79
CA LEU A 128 10.36 23.99 8.15
C LEU A 128 10.81 25.41 7.87
N ARG A 129 10.29 26.03 6.80
CA ARG A 129 10.71 27.39 6.46
C ARG A 129 10.20 28.38 7.51
N ASN A 130 8.92 28.31 7.86
CA ASN A 130 8.35 29.19 8.89
C ASN A 130 9.02 28.98 10.23
N PHE A 131 9.41 27.74 10.51
CA PHE A 131 10.04 27.38 11.74
C PHE A 131 11.38 28.05 11.88
N ILE A 132 12.22 27.97 10.83
CA ILE A 132 13.56 28.56 10.95
C ILE A 132 13.53 30.08 10.82
N ARG A 133 12.54 30.64 10.12
CA ARG A 133 12.43 32.09 9.96
C ARG A 133 11.94 32.78 11.23
N ASN A 134 11.10 32.10 12.04
CA ASN A 134 10.53 32.70 13.23
C ASN A 134 11.63 33.11 14.22
N GLU A 135 11.73 34.44 14.45
CA GLU A 135 12.73 35.05 15.33
C GLU A 135 12.70 34.52 16.75
N THR A 136 11.54 34.02 17.21
CA THR A 136 11.44 33.44 18.55
C THR A 136 12.13 32.08 18.64
N HIS A 137 12.37 31.40 17.50
CA HIS A 137 13.08 30.13 17.50
C HIS A 137 14.57 30.37 17.37
N ASN A 138 15.38 29.46 17.90
CA ASN A 138 16.83 29.59 17.84
C ASN A 138 17.48 28.25 17.51
N PRO A 139 17.21 27.69 16.32
CA PRO A 139 17.90 26.45 15.95
C PRO A 139 19.38 26.74 15.78
N THR A 140 20.22 25.81 16.23
CA THR A 140 21.66 25.96 16.11
C THR A 140 22.06 25.55 14.69
N VAL A 141 23.31 25.84 14.27
CA VAL A 141 23.82 25.36 12.99
C VAL A 141 23.70 23.82 12.91
N LYS A 142 24.02 23.11 14.02
CA LYS A 142 23.91 21.66 14.05
C LYS A 142 22.47 21.18 13.82
N ASP A 143 21.46 21.78 14.49
CA ASP A 143 20.05 21.47 14.30
C ASP A 143 19.67 21.65 12.81
N LEU A 144 20.14 22.74 12.17
CA LEU A 144 19.88 23.03 10.76
C LEU A 144 20.47 21.97 9.84
N ILE A 145 21.70 21.55 10.11
CA ILE A 145 22.33 20.46 9.34
C ILE A 145 21.55 19.16 9.56
N GLY A 146 21.09 18.92 10.78
CA GLY A 146 20.27 17.75 11.14
C GLY A 146 18.97 17.71 10.36
N PHE A 147 18.32 18.87 10.19
CA PHE A 147 17.09 18.93 9.39
C PHE A 147 17.40 18.59 7.94
N GLY A 148 18.55 19.07 7.42
CA GLY A 148 18.97 18.77 6.05
C GLY A 148 19.20 17.28 5.87
N LEU A 149 19.83 16.63 6.85
CA LEU A 149 20.12 15.20 6.80
C LEU A 149 18.81 14.40 6.75
N GLN A 150 17.82 14.82 7.55
CA GLN A 150 16.52 14.17 7.59
C GLN A 150 15.85 14.30 6.22
N VAL A 151 15.85 15.53 5.64
CA VAL A 151 15.31 15.68 4.27
C VAL A 151 16.01 14.75 3.26
N ALA A 152 17.36 14.66 3.33
CA ALA A 152 18.12 13.78 2.42
C ALA A 152 17.67 12.31 2.56
N LYS A 153 17.41 11.87 3.80
CA LYS A 153 16.91 10.51 4.03
C LYS A 153 15.51 10.27 3.41
N GLY A 154 14.61 11.24 3.56
CA GLY A 154 13.28 11.14 2.98
C GLY A 154 13.37 11.14 1.46
N MET A 155 14.28 11.95 0.90
CA MET A 155 14.44 11.99 -0.57
C MET A 155 15.13 10.75 -1.09
N LYS A 156 16.01 10.13 -0.29
CA LYS A 156 16.64 8.86 -0.70
C LYS A 156 15.53 7.79 -0.81
N TYR A 157 14.59 7.78 0.15
CA TYR A 157 13.45 6.89 0.08
C TYR A 157 12.59 7.17 -1.17
N LEU A 158 12.19 8.43 -1.39
CA LEU A 158 11.34 8.75 -2.53
C LEU A 158 12.03 8.41 -3.86
N ALA A 159 13.34 8.69 -3.96
CA ALA A 159 14.10 8.38 -5.17
C ALA A 159 14.12 6.88 -5.42
N SER A 160 14.21 6.07 -4.34
CA SER A 160 14.19 4.61 -4.48
C SER A 160 12.85 4.10 -5.04
N LYS A 161 11.78 4.88 -4.88
CA LYS A 161 10.46 4.54 -5.42
C LYS A 161 10.26 5.14 -6.82
N LYS A 162 11.29 5.81 -7.38
CA LYS A 162 11.20 6.52 -8.66
C LYS A 162 10.16 7.65 -8.58
N PHE A 163 9.99 8.23 -7.37
CA PHE A 163 9.03 9.32 -7.20
C PHE A 163 9.81 10.60 -7.33
N VAL A 164 9.46 11.43 -8.33
CA VAL A 164 10.12 12.70 -8.56
C VAL A 164 9.26 13.77 -7.90
N HIS A 165 9.81 14.45 -6.90
CA HIS A 165 9.09 15.45 -6.14
C HIS A 165 8.63 16.65 -7.00
N ARG A 166 9.57 17.34 -7.68
CA ARG A 166 9.35 18.52 -8.51
C ARG A 166 9.14 19.81 -7.72
N ASP A 167 8.81 19.74 -6.42
CA ASP A 167 8.64 20.97 -5.63
C ASP A 167 9.31 20.89 -4.27
N LEU A 168 10.50 20.27 -4.22
CA LEU A 168 11.24 20.21 -2.96
C LEU A 168 11.75 21.60 -2.58
N ALA A 169 11.42 22.04 -1.37
CA ALA A 169 11.74 23.36 -0.84
C ALA A 169 11.42 23.28 0.66
N ALA A 170 12.07 24.14 1.45
CA ALA A 170 11.89 24.10 2.90
C ALA A 170 10.40 24.29 3.29
N ARG A 171 9.61 25.10 2.51
CA ARG A 171 8.17 25.31 2.77
CA ARG A 171 8.20 25.28 2.85
C ARG A 171 7.36 24.01 2.66
N ASN A 172 7.89 23.03 1.92
CA ASN A 172 7.19 21.78 1.70
C ASN A 172 7.64 20.67 2.63
N CYS A 173 8.50 20.97 3.63
CA CYS A 173 8.93 19.96 4.58
C CYS A 173 8.29 20.33 5.90
N MET A 174 7.66 19.37 6.56
CA MET A 174 6.95 19.66 7.81
C MET A 174 7.72 19.16 9.03
N LEU A 175 7.32 19.62 10.23
CA LEU A 175 7.95 19.15 11.46
C LEU A 175 6.83 18.60 12.33
N ASP A 176 6.98 17.34 12.75
CA ASP A 176 5.94 16.74 13.59
C ASP A 176 6.15 17.11 15.10
N GLU A 177 5.40 16.46 16.00
CA GLU A 177 5.47 16.76 17.41
C GLU A 177 6.82 16.43 18.05
N LYS A 178 7.66 15.61 17.38
CA LYS A 178 9.01 15.30 17.85
C LYS A 178 10.09 16.08 17.07
N PHE A 179 9.69 17.10 16.29
CA PHE A 179 10.61 17.81 15.43
C PHE A 179 11.21 16.93 14.34
N THR A 180 10.54 15.82 13.98
CA THR A 180 11.02 14.99 12.88
C THR A 180 10.59 15.67 11.58
N VAL A 181 11.50 15.80 10.62
CA VAL A 181 11.18 16.42 9.34
C VAL A 181 10.48 15.43 8.42
N LYS A 182 9.37 15.84 7.80
CA LYS A 182 8.63 14.98 6.88
C LYS A 182 8.56 15.71 5.57
N VAL A 183 9.13 15.14 4.50
CA VAL A 183 9.04 15.71 3.16
C VAL A 183 7.59 15.61 2.74
N ALA A 184 7.00 16.70 2.24
CA ALA A 184 5.58 16.74 1.94
C ALA A 184 5.34 17.66 0.72
N ASP A 185 4.06 18.04 0.39
CA ASP A 185 3.83 18.89 -0.74
C ASP A 185 2.57 19.70 -0.49
N PHE A 186 2.75 20.98 -0.25
CA PHE A 186 1.64 21.91 -0.10
C PHE A 186 1.63 22.86 -1.28
N GLY A 187 1.91 22.32 -2.45
CA GLY A 187 1.85 23.05 -3.70
C GLY A 187 0.67 22.55 -4.51
N LEU A 188 0.72 22.84 -5.80
CA LEU A 188 -0.32 22.48 -6.74
C LEU A 188 -0.48 20.97 -6.81
N ALA A 189 -1.67 20.50 -7.23
CA ALA A 189 -1.92 19.06 -7.40
C ALA A 189 -0.87 18.47 -8.38
N ARG A 190 -0.34 17.27 -8.07
CA ARG A 190 0.67 16.66 -8.91
C ARG A 190 0.20 16.32 -10.28
N VAL A 191 1.09 16.44 -11.23
CA VAL A 191 0.81 16.03 -12.60
C VAL A 191 1.61 14.74 -12.85
N MET A 192 1.09 13.90 -13.75
CA MET A 192 1.80 12.67 -14.07
C MET A 192 2.95 13.02 -15.02
N TYR A 193 2.68 13.87 -16.02
CA TYR A 193 3.70 14.22 -17.00
C TYR A 193 4.28 15.60 -16.84
N ASP A 194 5.59 15.71 -17.08
CA ASP A 194 6.30 16.99 -16.99
C ASP A 194 5.73 18.03 -17.94
N LYS A 195 5.19 17.59 -19.11
CA LYS A 195 4.58 18.49 -20.10
C LYS A 195 3.32 19.18 -19.56
N GLU A 196 2.65 18.57 -18.56
CA GLU A 196 1.45 19.13 -17.92
C GLU A 196 1.84 20.18 -16.85
N TYR A 197 3.03 20.05 -16.23
CA TYR A 197 3.55 20.91 -15.17
C TYR A 197 3.52 22.42 -15.47
N TYR A 198 4.13 22.85 -16.58
CA TYR A 198 4.20 24.26 -16.95
C TYR A 198 2.81 24.80 -17.24
N SER A 199 2.01 24.02 -17.97
CA SER A 199 0.64 24.35 -18.34
C SER A 199 -0.22 24.60 -17.09
N VAL A 200 -0.11 23.70 -16.11
CA VAL A 200 -0.87 23.72 -14.87
C VAL A 200 -0.53 24.96 -13.99
N HIS A 201 0.72 25.44 -14.04
CA HIS A 201 1.10 26.61 -13.26
C HIS A 201 0.60 27.89 -13.94
N ALA A 206 -0.45 30.76 -9.90
CA ALA A 206 0.46 29.73 -9.44
C ALA A 206 1.81 29.80 -10.16
N LYS A 207 2.84 30.29 -9.48
CA LYS A 207 4.15 30.45 -10.08
C LYS A 207 4.94 29.15 -10.07
N LEU A 208 5.82 28.96 -11.06
CA LEU A 208 6.71 27.80 -11.07
C LEU A 208 7.75 28.07 -9.97
N PRO A 209 8.29 27.02 -9.33
CA PRO A 209 9.30 27.25 -8.28
C PRO A 209 10.67 27.48 -8.94
N VAL A 210 10.76 28.50 -9.82
CA VAL A 210 11.93 28.86 -10.62
C VAL A 210 13.25 28.84 -9.85
N LYS A 211 13.28 29.47 -8.68
CA LYS A 211 14.52 29.58 -7.91
C LYS A 211 14.94 28.26 -7.22
N TRP A 212 14.15 27.21 -7.34
CA TRP A 212 14.51 25.87 -6.82
C TRP A 212 14.78 24.89 -7.97
N MET A 213 14.47 25.29 -9.21
CA MET A 213 14.58 24.41 -10.35
C MET A 213 15.97 24.26 -10.93
N ALA A 214 16.26 23.06 -11.37
CA ALA A 214 17.52 22.74 -12.00
C ALA A 214 17.61 23.45 -13.33
N LEU A 215 18.80 23.77 -13.76
CA LEU A 215 19.03 24.44 -15.04
C LEU A 215 18.33 23.74 -16.20
N GLU A 216 18.46 22.41 -16.31
CA GLU A 216 17.82 21.67 -17.41
C GLU A 216 16.27 21.63 -17.34
N SER A 217 15.67 21.80 -16.14
CA SER A 217 14.22 21.86 -15.99
C SER A 217 13.69 23.20 -16.47
N LEU A 218 14.46 24.28 -16.26
CA LEU A 218 14.08 25.60 -16.73
C LEU A 218 14.11 25.66 -18.28
N GLN A 219 15.09 24.97 -18.89
CA GLN A 219 15.27 24.98 -20.34
C GLN A 219 14.45 23.95 -21.07
N THR A 220 14.37 22.71 -20.55
CA THR A 220 13.69 21.62 -21.25
C THR A 220 12.34 21.20 -20.65
N GLN A 221 11.93 21.82 -19.53
CA GLN A 221 10.67 21.50 -18.82
C GLN A 221 10.56 20.06 -18.31
N LYS A 222 11.68 19.37 -18.09
CA LYS A 222 11.66 17.99 -17.62
C LYS A 222 12.22 17.90 -16.20
N PHE A 223 11.74 16.94 -15.42
CA PHE A 223 12.13 16.76 -14.04
C PHE A 223 12.56 15.33 -13.77
N THR A 224 13.62 15.15 -12.97
CA THR A 224 14.13 13.83 -12.62
C THR A 224 14.54 13.85 -11.15
N THR A 225 14.99 12.71 -10.60
CA THR A 225 15.60 12.69 -9.25
C THR A 225 16.82 13.65 -9.22
N LYS A 226 17.60 13.77 -10.34
CA LYS A 226 18.73 14.70 -10.36
C LYS A 226 18.32 16.16 -10.28
N SER A 227 17.16 16.53 -10.83
CA SER A 227 16.67 17.91 -10.66
C SER A 227 16.11 18.09 -9.22
N ASP A 228 15.61 17.01 -8.59
CA ASP A 228 15.25 17.07 -7.16
C ASP A 228 16.54 17.32 -6.33
N VAL A 229 17.68 16.73 -6.74
CA VAL A 229 18.97 16.96 -6.05
C VAL A 229 19.35 18.44 -6.10
N TRP A 230 19.15 19.10 -7.25
CA TRP A 230 19.38 20.55 -7.37
C TRP A 230 18.52 21.31 -6.33
N SER A 231 17.21 21.06 -6.31
CA SER A 231 16.27 21.66 -5.35
C SER A 231 16.73 21.41 -3.92
N PHE A 232 17.24 20.17 -3.61
CA PHE A 232 17.74 19.85 -2.26
C PHE A 232 18.91 20.77 -1.90
N GLY A 233 19.78 21.10 -2.86
CA GLY A 233 20.88 22.01 -2.60
C GLY A 233 20.37 23.39 -2.22
N VAL A 234 19.31 23.84 -2.92
CA VAL A 234 18.70 25.13 -2.58
C VAL A 234 18.05 25.05 -1.19
N LEU A 235 17.43 23.93 -0.87
CA LEU A 235 16.79 23.73 0.45
C LEU A 235 17.88 23.78 1.54
N LEU A 236 19.07 23.20 1.29
CA LEU A 236 20.18 23.29 2.26
C LEU A 236 20.59 24.76 2.46
N TRP A 237 20.59 25.55 1.37
CA TRP A 237 20.91 26.97 1.44
C TRP A 237 19.83 27.70 2.27
N GLU A 238 18.52 27.38 2.08
CA GLU A 238 17.46 27.96 2.90
C GLU A 238 17.68 27.63 4.38
N LEU A 239 18.10 26.40 4.70
CA LEU A 239 18.33 26.02 6.09
C LEU A 239 19.46 26.83 6.70
N MET A 240 20.58 26.98 5.96
CA MET A 240 21.75 27.68 6.51
C MET A 240 21.59 29.19 6.58
N THR A 241 20.62 29.76 5.88
CA THR A 241 20.31 31.19 6.01
C THR A 241 19.06 31.40 6.92
N ARG A 242 18.57 30.35 7.59
CA ARG A 242 17.35 30.44 8.40
C ARG A 242 16.14 30.98 7.60
N GLY A 243 16.00 30.46 6.40
CA GLY A 243 14.84 30.75 5.59
C GLY A 243 14.86 32.02 4.76
N ALA A 244 16.05 32.45 4.33
CA ALA A 244 16.15 33.60 3.44
C ALA A 244 15.66 33.20 2.02
N PRO A 245 15.05 34.15 1.28
CA PRO A 245 14.61 33.82 -0.08
C PRO A 245 15.83 33.74 -1.00
N PRO A 246 15.97 32.62 -1.73
CA PRO A 246 17.15 32.48 -2.61
C PRO A 246 17.13 33.45 -3.78
N TYR A 247 18.31 33.94 -4.23
CA TYR A 247 18.43 34.91 -5.34
C TYR A 247 17.38 36.06 -5.22
N PRO A 248 17.26 36.74 -4.07
CA PRO A 248 16.23 37.80 -3.95
C PRO A 248 16.41 38.89 -4.99
N ASP A 249 17.67 39.16 -5.36
CA ASP A 249 18.08 40.18 -6.31
C ASP A 249 18.17 39.71 -7.76
N VAL A 250 17.79 38.46 -8.05
CA VAL A 250 17.80 37.96 -9.42
C VAL A 250 16.38 37.71 -9.78
N ASN A 251 15.84 38.42 -10.78
CA ASN A 251 14.45 38.23 -11.20
C ASN A 251 14.22 36.80 -11.68
N THR A 252 13.02 36.24 -11.49
CA THR A 252 12.72 34.87 -11.96
C THR A 252 13.06 34.67 -13.44
N PHE A 253 12.75 35.69 -14.24
CA PHE A 253 13.00 35.66 -15.68
CA PHE A 253 12.98 35.72 -15.68
C PHE A 253 14.47 35.80 -16.06
N ASP A 254 15.36 36.12 -15.11
CA ASP A 254 16.81 36.22 -15.32
C ASP A 254 17.61 35.06 -14.67
N ILE A 255 16.93 34.16 -13.94
CA ILE A 255 17.58 33.05 -13.25
C ILE A 255 18.29 32.13 -14.23
N THR A 256 17.60 31.72 -15.32
CA THR A 256 18.20 30.81 -16.31
C THR A 256 19.55 31.34 -16.83
N VAL A 257 19.63 32.64 -17.22
CA VAL A 257 20.89 33.21 -17.68
C VAL A 257 21.93 33.30 -16.57
N TYR A 258 21.50 33.66 -15.33
CA TYR A 258 22.38 33.73 -14.16
C TYR A 258 23.07 32.35 -13.95
N LEU A 259 22.31 31.26 -14.06
CA LEU A 259 22.83 29.92 -13.90
C LEU A 259 23.77 29.52 -15.07
N LEU A 260 23.46 29.99 -16.29
CA LEU A 260 24.28 29.76 -17.49
C LEU A 260 25.62 30.46 -17.40
N GLN A 261 25.67 31.65 -16.80
CA GLN A 261 26.95 32.33 -16.55
C GLN A 261 27.81 31.61 -15.48
N GLY A 262 27.34 30.47 -14.97
CA GLY A 262 28.04 29.71 -13.94
C GLY A 262 27.92 30.27 -12.54
N ARG A 263 26.99 31.21 -12.33
CA ARG A 263 26.82 31.82 -11.02
C ARG A 263 25.90 30.97 -10.16
N ARG A 264 26.13 31.02 -8.85
CA ARG A 264 25.32 30.20 -7.93
C ARG A 264 24.97 31.01 -6.70
N LEU A 265 24.13 30.42 -5.80
CA LEU A 265 23.89 31.01 -4.49
C LEU A 265 25.21 31.05 -3.73
N LEU A 266 25.48 32.18 -3.08
CA LEU A 266 26.71 32.40 -2.34
C LEU A 266 26.66 31.67 -1.02
N GLN A 267 27.83 31.42 -0.43
CA GLN A 267 27.91 30.71 0.83
C GLN A 267 27.31 31.49 1.99
N PRO A 268 26.29 30.92 2.65
CA PRO A 268 25.72 31.61 3.81
C PRO A 268 26.77 31.81 4.89
N GLU A 269 26.70 32.94 5.60
CA GLU A 269 27.64 33.26 6.68
C GLU A 269 27.90 32.11 7.67
N TYR A 270 26.84 31.40 8.08
CA TYR A 270 27.01 30.32 9.05
C TYR A 270 26.99 28.90 8.46
N CYS A 271 27.21 28.80 7.16
CA CYS A 271 27.26 27.52 6.51
C CYS A 271 28.70 27.01 6.51
N PRO A 272 28.96 25.83 7.09
CA PRO A 272 30.33 25.28 7.04
C PRO A 272 30.80 25.02 5.61
N ASP A 273 32.10 25.24 5.34
CA ASP A 273 32.66 25.00 4.00
C ASP A 273 32.32 23.63 3.37
N PRO A 274 32.45 22.51 4.09
CA PRO A 274 32.13 21.21 3.47
C PRO A 274 30.65 21.12 3.08
N LEU A 275 29.75 21.81 3.79
CA LEU A 275 28.32 21.78 3.44
C LEU A 275 28.05 22.69 2.23
N TYR A 276 28.83 23.80 2.08
CA TYR A 276 28.69 24.64 0.87
C TYR A 276 29.21 23.88 -0.35
N GLU A 277 30.27 23.08 -0.19
CA GLU A 277 30.79 22.26 -1.26
C GLU A 277 29.70 21.24 -1.69
N VAL A 278 28.92 20.69 -0.72
CA VAL A 278 27.81 19.76 -1.04
C VAL A 278 26.77 20.48 -1.91
N MET A 279 26.42 21.72 -1.55
CA MET A 279 25.46 22.53 -2.32
C MET A 279 25.97 22.73 -3.75
N LEU A 280 27.27 23.08 -3.94
CA LEU A 280 27.82 23.27 -5.27
C LEU A 280 27.71 22.04 -6.13
N LYS A 281 27.97 20.85 -5.58
CA LYS A 281 27.82 19.59 -6.31
C LYS A 281 26.33 19.36 -6.65
N CYS A 282 25.38 19.75 -5.77
CA CYS A 282 23.95 19.63 -6.08
C CYS A 282 23.58 20.49 -7.28
N TRP A 283 24.30 21.59 -7.51
CA TRP A 283 23.98 22.48 -8.61
C TRP A 283 24.94 22.30 -9.80
N HIS A 284 25.53 21.12 -9.95
CA HIS A 284 26.42 20.83 -11.09
C HIS A 284 25.63 20.97 -12.37
N PRO A 285 26.15 21.70 -13.36
CA PRO A 285 25.39 21.88 -14.61
C PRO A 285 25.06 20.57 -15.32
N LYS A 286 25.87 19.52 -15.11
CA LYS A 286 25.58 18.22 -15.70
C LYS A 286 24.85 17.38 -14.65
N ALA A 287 23.56 17.10 -14.88
CA ALA A 287 22.70 16.37 -13.95
C ALA A 287 23.28 15.04 -13.53
N GLU A 288 23.87 14.30 -14.48
CA GLU A 288 24.42 12.97 -14.15
C GLU A 288 25.60 13.04 -13.18
N MET A 289 26.25 14.22 -13.06
CA MET A 289 27.39 14.40 -12.17
C MET A 289 26.98 14.85 -10.75
N ARG A 290 25.69 15.15 -10.52
CA ARG A 290 25.25 15.57 -9.18
C ARG A 290 25.25 14.37 -8.26
N PRO A 291 25.48 14.55 -6.94
CA PRO A 291 25.44 13.37 -6.04
C PRO A 291 24.04 12.77 -6.01
N SER A 292 23.93 11.49 -5.68
CA SER A 292 22.64 10.85 -5.44
C SER A 292 22.20 11.22 -4.00
N PHE A 293 20.92 10.97 -3.65
CA PHE A 293 20.47 11.22 -2.28
C PHE A 293 21.18 10.27 -1.33
N SER A 294 21.49 9.04 -1.77
CA SER A 294 22.24 8.12 -0.89
C SER A 294 23.64 8.70 -0.56
N GLU A 295 24.34 9.26 -1.56
CA GLU A 295 25.64 9.89 -1.34
C GLU A 295 25.48 11.10 -0.42
N LEU A 296 24.40 11.89 -0.59
CA LEU A 296 24.16 13.06 0.25
C LEU A 296 23.92 12.65 1.68
N VAL A 297 23.17 11.54 1.93
CA VAL A 297 22.93 11.08 3.31
C VAL A 297 24.32 10.73 3.95
N SER A 298 25.15 9.95 3.22
CA SER A 298 26.48 9.57 3.74
C SER A 298 27.36 10.81 4.06
N ARG A 299 27.42 11.75 3.11
CA ARG A 299 28.22 12.96 3.25
C ARG A 299 27.71 13.88 4.36
N ILE A 300 26.43 14.22 4.35
CA ILE A 300 25.86 15.09 5.38
C ILE A 300 25.92 14.43 6.77
N SER A 301 25.81 13.09 6.87
CA SER A 301 25.96 12.39 8.16
C SER A 301 27.40 12.64 8.68
N ALA A 302 28.41 12.51 7.81
CA ALA A 302 29.81 12.76 8.23
C ALA A 302 29.98 14.21 8.69
N ILE A 303 29.44 15.20 7.96
CA ILE A 303 29.54 16.59 8.36
C ILE A 303 28.84 16.85 9.69
N PHE A 304 27.60 16.35 9.81
CA PHE A 304 26.80 16.49 11.04
C PHE A 304 27.57 15.91 12.27
N SER A 305 28.29 14.80 12.07
CA SER A 305 29.07 14.16 13.13
C SER A 305 30.24 15.04 13.65
N THR A 306 30.64 16.05 12.89
CA THR A 306 31.71 16.97 13.32
C THR A 306 31.17 18.09 14.22
N PHE A 307 29.84 18.26 14.34
CA PHE A 307 29.24 19.27 15.18
C PHE A 307 28.88 18.65 16.52
N ILE A 308 29.26 19.35 17.58
CA ILE A 308 29.04 18.92 18.94
C ILE A 308 27.82 19.59 19.51
N GLY A 309 26.97 18.83 20.19
CA GLY A 309 25.82 19.40 20.86
C GLY A 309 24.62 18.46 20.82
N ALA B 20 2.12 -1.85 -23.81
CA ALA B 20 0.78 -1.49 -24.30
C ALA B 20 -0.29 -1.38 -23.20
N LEU B 21 0.12 -1.36 -21.92
CA LEU B 21 -0.82 -1.24 -20.80
C LEU B 21 -1.08 0.23 -20.49
N ASN B 22 -2.21 0.55 -19.83
CA ASN B 22 -2.57 1.92 -19.41
C ASN B 22 -1.44 2.48 -18.54
N PRO B 23 -0.84 3.62 -18.94
CA PRO B 23 0.35 4.12 -18.23
C PRO B 23 0.14 4.47 -16.76
N GLU B 24 -1.08 4.86 -16.37
CA GLU B 24 -1.36 5.16 -14.97
C GLU B 24 -1.38 3.89 -14.13
N LEU B 25 -1.82 2.76 -14.71
CA LEU B 25 -1.84 1.49 -13.99
C LEU B 25 -0.41 1.01 -13.72
N VAL B 26 0.48 1.20 -14.70
CA VAL B 26 1.89 0.86 -14.61
C VAL B 26 2.61 1.71 -13.58
N GLN B 27 2.27 3.01 -13.51
CA GLN B 27 2.85 3.88 -12.50
C GLN B 27 2.39 3.45 -11.10
N ALA B 28 1.10 3.14 -10.98
CA ALA B 28 0.49 2.78 -9.71
C ALA B 28 0.99 1.45 -9.20
N VAL B 29 1.39 0.52 -10.10
CA VAL B 29 1.83 -0.80 -9.65
C VAL B 29 3.32 -0.83 -9.26
N GLN B 30 4.11 0.22 -9.58
CA GLN B 30 5.56 0.18 -9.36
C GLN B 30 5.95 -0.21 -7.95
N HIS B 31 5.25 0.30 -6.93
CA HIS B 31 5.55 -0.03 -5.53
C HIS B 31 5.33 -1.48 -5.16
N VAL B 32 4.62 -2.24 -6.02
CA VAL B 32 4.37 -3.67 -5.79
C VAL B 32 5.49 -4.52 -6.43
N VAL B 33 6.22 -3.97 -7.39
CA VAL B 33 7.21 -4.69 -8.15
C VAL B 33 8.46 -5.00 -7.38
N ILE B 34 8.83 -6.29 -7.36
CA ILE B 34 10.06 -6.83 -6.78
C ILE B 34 10.85 -7.36 -8.02
N GLY B 35 12.14 -7.12 -8.03
CA GLY B 35 12.97 -7.58 -9.13
C GLY B 35 14.23 -8.32 -8.73
N PRO B 36 15.08 -8.56 -9.75
CA PRO B 36 16.33 -9.26 -9.49
C PRO B 36 17.29 -8.55 -8.56
N SER B 37 17.11 -7.21 -8.30
CA SER B 37 18.01 -6.53 -7.34
C SER B 37 17.75 -6.98 -5.88
N SER B 38 16.67 -7.74 -5.63
CA SER B 38 16.42 -8.22 -4.28
C SER B 38 15.92 -9.65 -4.20
N LEU B 39 15.37 -10.19 -5.29
CA LEU B 39 14.83 -11.56 -5.24
C LEU B 39 15.64 -12.60 -6.03
N ILE B 40 15.93 -13.74 -5.39
CA ILE B 40 16.54 -14.89 -6.05
C ILE B 40 15.46 -15.99 -6.10
N VAL B 41 14.98 -16.38 -7.28
CA VAL B 41 14.00 -17.44 -7.41
C VAL B 41 14.76 -18.75 -7.65
N HIS B 42 14.55 -19.75 -6.79
CA HIS B 42 15.21 -21.04 -6.95
C HIS B 42 14.33 -21.93 -7.83
N PHE B 43 14.41 -21.73 -9.17
CA PHE B 43 13.60 -22.42 -10.15
C PHE B 43 13.75 -23.96 -10.16
N ASN B 44 14.78 -24.49 -9.52
CA ASN B 44 14.99 -25.94 -9.43
C ASN B 44 14.53 -26.53 -8.08
N GLU B 45 13.84 -25.73 -7.24
CA GLU B 45 13.32 -26.16 -5.94
C GLU B 45 11.81 -25.87 -5.94
N VAL B 46 11.04 -26.76 -6.58
CA VAL B 46 9.59 -26.64 -6.69
C VAL B 46 8.91 -26.98 -5.35
N ILE B 47 8.04 -26.08 -4.87
CA ILE B 47 7.23 -26.26 -3.66
C ILE B 47 5.97 -27.04 -4.05
N GLY B 48 5.32 -26.64 -5.14
CA GLY B 48 4.11 -27.29 -5.63
C GLY B 48 3.67 -26.88 -7.03
N ARG B 49 2.58 -27.50 -7.53
CA ARG B 49 2.02 -27.23 -8.87
C ARG B 49 0.47 -27.18 -8.82
N GLY B 50 -0.14 -26.61 -9.86
CA GLY B 50 -1.60 -26.53 -10.00
C GLY B 50 -2.04 -26.04 -11.36
N HIS B 51 -3.36 -25.87 -11.57
CA HIS B 51 -3.91 -25.36 -12.84
C HIS B 51 -3.52 -23.90 -13.14
N PHE B 52 -2.90 -23.21 -12.17
CA PHE B 52 -2.45 -21.84 -12.30
C PHE B 52 -1.02 -21.77 -12.85
N GLY B 53 -0.19 -22.75 -12.46
CA GLY B 53 1.22 -22.79 -12.76
C GLY B 53 2.00 -23.55 -11.70
N CYS B 54 3.03 -22.94 -11.10
CA CYS B 54 3.91 -23.62 -10.16
CA CYS B 54 3.84 -23.62 -10.10
C CYS B 54 4.44 -22.66 -9.07
N VAL B 55 4.85 -23.20 -7.91
CA VAL B 55 5.40 -22.43 -6.80
C VAL B 55 6.84 -22.87 -6.56
N TYR B 56 7.78 -21.92 -6.34
CA TYR B 56 9.19 -22.21 -6.09
C TYR B 56 9.68 -21.58 -4.80
N HIS B 57 10.76 -22.13 -4.21
CA HIS B 57 11.39 -21.51 -3.06
C HIS B 57 12.11 -20.24 -3.58
N GLY B 58 12.14 -19.21 -2.76
CA GLY B 58 12.78 -17.95 -3.13
C GLY B 58 13.48 -17.30 -1.96
N THR B 59 14.44 -16.42 -2.26
CA THR B 59 15.14 -15.71 -1.21
C THR B 59 15.06 -14.24 -1.53
N LEU B 60 14.55 -13.44 -0.61
CA LEU B 60 14.44 -12.00 -0.79
C LEU B 60 15.50 -11.36 0.13
N LEU B 61 16.34 -10.46 -0.39
CA LEU B 61 17.39 -9.80 0.39
C LEU B 61 17.00 -8.35 0.59
N ASP B 62 17.03 -7.86 1.82
CA ASP B 62 16.74 -6.44 2.08
C ASP B 62 17.99 -5.58 1.83
N ASN B 63 17.91 -4.25 2.04
CA ASN B 63 19.04 -3.34 1.83
C ASN B 63 20.26 -3.60 2.72
N ASP B 64 20.13 -4.46 3.74
CA ASP B 64 21.22 -4.81 4.65
C ASP B 64 21.81 -6.20 4.38
N GLY B 65 21.27 -6.94 3.41
CA GLY B 65 21.72 -8.31 3.15
C GLY B 65 20.93 -9.37 3.90
N LYS B 66 19.98 -8.96 4.78
CA LYS B 66 19.18 -9.93 5.53
C LYS B 66 18.27 -10.69 4.59
N LYS B 67 18.23 -12.01 4.74
CA LYS B 67 17.44 -12.89 3.88
C LYS B 67 16.08 -13.24 4.48
N ILE B 68 15.08 -13.29 3.60
CA ILE B 68 13.69 -13.61 3.89
C ILE B 68 13.28 -14.75 2.97
N HIS B 69 12.96 -15.91 3.55
CA HIS B 69 12.53 -17.08 2.78
C HIS B 69 11.14 -16.78 2.23
N CYS B 70 10.93 -16.99 0.93
CA CYS B 70 9.62 -16.76 0.36
C CYS B 70 9.17 -17.85 -0.63
N ALA B 71 7.89 -17.88 -0.95
CA ALA B 71 7.34 -18.78 -1.96
C ALA B 71 7.04 -17.88 -3.14
N VAL B 72 7.42 -18.30 -4.33
CA VAL B 72 7.23 -17.54 -5.54
C VAL B 72 6.30 -18.33 -6.43
N LYS B 73 5.12 -17.81 -6.69
CA LYS B 73 4.09 -18.49 -7.48
C LYS B 73 4.06 -17.92 -8.91
N SER B 74 4.22 -18.77 -9.94
CA SER B 74 4.13 -18.30 -11.31
C SER B 74 2.70 -18.45 -11.79
N LEU B 75 2.14 -17.39 -12.40
CA LEU B 75 0.81 -17.43 -12.94
C LEU B 75 0.94 -17.51 -14.47
N ASN B 76 1.11 -18.74 -14.98
CA ASN B 76 1.38 -19.01 -16.39
C ASN B 76 0.26 -18.65 -17.38
N ARG B 77 -0.99 -18.50 -16.92
CA ARG B 77 -2.07 -18.10 -17.80
C ARG B 77 -2.12 -16.59 -18.06
N ILE B 78 -1.37 -15.78 -17.29
CA ILE B 78 -1.42 -14.33 -17.45
C ILE B 78 -0.57 -13.98 -18.65
N THR B 79 -1.20 -13.76 -19.80
CA THR B 79 -0.49 -13.51 -21.05
C THR B 79 -0.97 -12.24 -21.81
N ASP B 80 -2.28 -12.12 -22.09
CA ASP B 80 -2.77 -10.98 -22.87
C ASP B 80 -2.94 -9.72 -22.02
N ILE B 81 -3.09 -8.57 -22.69
CA ILE B 81 -3.19 -7.26 -22.08
C ILE B 81 -4.28 -7.17 -20.99
N GLY B 82 -5.41 -7.84 -21.19
CA GLY B 82 -6.51 -7.83 -20.24
C GLY B 82 -6.19 -8.56 -18.96
N GLU B 83 -5.51 -9.71 -19.09
CA GLU B 83 -5.08 -10.55 -17.97
C GLU B 83 -3.95 -9.85 -17.20
N VAL B 84 -2.99 -9.26 -17.92
CA VAL B 84 -1.87 -8.59 -17.27
C VAL B 84 -2.37 -7.36 -16.49
N SER B 85 -3.28 -6.58 -17.09
CA SER B 85 -3.84 -5.42 -16.42
C SER B 85 -4.55 -5.78 -15.12
N GLN B 86 -5.36 -6.84 -15.13
CA GLN B 86 -6.07 -7.30 -13.93
C GLN B 86 -5.10 -7.85 -12.87
N PHE B 87 -3.98 -8.43 -13.32
CA PHE B 87 -2.96 -8.94 -12.43
C PHE B 87 -2.30 -7.74 -11.71
N LEU B 88 -2.06 -6.61 -12.42
CA LEU B 88 -1.43 -5.43 -11.79
C LEU B 88 -2.43 -4.82 -10.80
N THR B 89 -3.74 -4.80 -11.16
CA THR B 89 -4.78 -4.31 -10.29
C THR B 89 -4.86 -5.13 -9.02
N GLU B 90 -4.88 -6.48 -9.14
CA GLU B 90 -4.92 -7.36 -7.98
C GLU B 90 -3.68 -7.16 -7.14
N GLY B 91 -2.50 -6.98 -7.77
CA GLY B 91 -1.28 -6.73 -7.01
C GLY B 91 -1.38 -5.45 -6.17
N ILE B 92 -1.94 -4.37 -6.72
CA ILE B 92 -2.09 -3.12 -5.99
C ILE B 92 -3.02 -3.32 -4.78
N ILE B 93 -4.14 -4.03 -4.99
CA ILE B 93 -5.10 -4.27 -3.93
C ILE B 93 -4.47 -5.09 -2.81
N MET B 94 -3.84 -6.20 -3.16
CA MET B 94 -3.29 -7.12 -2.18
C MET B 94 -2.03 -6.63 -1.51
N LYS B 95 -1.23 -5.75 -2.16
CA LYS B 95 -0.05 -5.17 -1.53
C LYS B 95 -0.44 -4.39 -0.24
N ASP B 96 -1.67 -3.84 -0.18
CA ASP B 96 -2.16 -3.08 0.96
C ASP B 96 -2.48 -3.97 2.17
N PHE B 97 -2.72 -5.28 1.96
CA PHE B 97 -3.06 -6.18 3.07
C PHE B 97 -2.00 -6.17 4.16
N SER B 98 -2.46 -5.99 5.39
CA SER B 98 -1.62 -5.99 6.57
C SER B 98 -2.47 -6.45 7.76
N HIS B 99 -2.53 -7.75 7.99
CA HIS B 99 -3.26 -8.31 9.11
C HIS B 99 -2.61 -9.62 9.50
N PRO B 100 -2.55 -9.94 10.80
CA PRO B 100 -1.85 -11.17 11.21
C PRO B 100 -2.45 -12.47 10.70
N ASN B 101 -3.71 -12.44 10.27
CA ASN B 101 -4.34 -13.67 9.77
C ASN B 101 -4.64 -13.63 8.27
N VAL B 102 -3.89 -12.79 7.52
CA VAL B 102 -3.98 -12.66 6.07
C VAL B 102 -2.58 -12.79 5.54
N LEU B 103 -2.36 -13.72 4.58
CA LEU B 103 -1.03 -13.85 3.98
C LEU B 103 -0.68 -12.56 3.20
N SER B 104 0.43 -11.89 3.55
CA SER B 104 0.82 -10.67 2.85
C SER B 104 1.31 -10.96 1.45
N LEU B 105 1.23 -9.97 0.59
CA LEU B 105 1.83 -10.02 -0.72
C LEU B 105 3.15 -9.23 -0.59
N LEU B 106 4.29 -9.92 -0.67
CA LEU B 106 5.60 -9.22 -0.60
C LEU B 106 5.82 -8.36 -1.83
N GLY B 107 5.39 -8.87 -2.97
CA GLY B 107 5.46 -8.17 -4.24
C GLY B 107 5.17 -9.07 -5.41
N ILE B 108 5.28 -8.50 -6.61
CA ILE B 108 5.08 -9.23 -7.86
C ILE B 108 6.29 -9.00 -8.78
N CYS B 109 6.48 -9.89 -9.77
CA CYS B 109 7.55 -9.71 -10.77
C CYS B 109 6.93 -9.59 -12.14
N LEU B 110 7.18 -8.52 -12.87
CA LEU B 110 6.67 -8.35 -14.22
C LEU B 110 7.86 -8.49 -15.12
N ARG B 111 8.17 -9.70 -15.52
CA ARG B 111 9.33 -10.01 -16.35
C ARG B 111 9.06 -9.82 -17.81
N SER B 112 10.09 -9.42 -18.56
CA SER B 112 9.98 -9.33 -20.03
C SER B 112 10.01 -10.73 -20.67
N GLU B 113 10.57 -11.72 -19.98
CA GLU B 113 10.71 -13.08 -20.43
C GLU B 113 10.26 -13.94 -19.28
N GLY B 114 9.15 -14.64 -19.49
CA GLY B 114 8.60 -15.49 -18.44
C GLY B 114 7.29 -14.98 -17.90
N SER B 115 6.55 -15.87 -17.27
CA SER B 115 5.25 -15.54 -16.73
C SER B 115 5.37 -14.67 -15.46
N PRO B 116 4.33 -13.86 -15.17
CA PRO B 116 4.36 -13.02 -13.96
C PRO B 116 4.50 -13.85 -12.69
N LEU B 117 5.19 -13.31 -11.67
CA LEU B 117 5.42 -14.05 -10.43
C LEU B 117 4.77 -13.34 -9.24
N VAL B 118 4.30 -14.11 -8.26
CA VAL B 118 3.68 -13.61 -7.06
C VAL B 118 4.59 -13.99 -5.91
N VAL B 119 5.05 -13.02 -5.15
CA VAL B 119 6.02 -13.27 -4.08
C VAL B 119 5.34 -13.21 -2.75
N LEU B 120 5.37 -14.32 -2.02
CA LEU B 120 4.66 -14.42 -0.76
C LEU B 120 5.60 -14.88 0.35
N PRO B 121 5.26 -14.59 1.61
CA PRO B 121 6.06 -15.12 2.73
C PRO B 121 5.99 -16.64 2.75
N TYR B 122 7.13 -17.31 2.96
CA TYR B 122 7.14 -18.76 3.08
C TYR B 122 6.39 -19.17 4.35
N MET B 123 5.56 -20.21 4.23
CA MET B 123 4.75 -20.72 5.35
C MET B 123 5.26 -22.10 5.77
N LYS B 124 6.03 -22.14 6.87
CA LYS B 124 6.72 -23.33 7.39
C LYS B 124 5.86 -24.60 7.51
N HIS B 125 4.62 -24.48 8.01
CA HIS B 125 3.79 -25.66 8.19
C HIS B 125 2.78 -25.92 7.08
N GLY B 126 2.96 -25.28 5.92
CA GLY B 126 2.09 -25.49 4.77
C GLY B 126 0.63 -25.14 4.98
N ASP B 127 -0.25 -25.78 4.21
CA ASP B 127 -1.68 -25.49 4.27
C ASP B 127 -2.36 -26.19 5.45
N LEU B 128 -3.43 -25.59 5.94
CA LEU B 128 -4.18 -26.07 7.09
C LEU B 128 -4.81 -27.45 6.87
N ARG B 129 -5.31 -27.74 5.67
CA ARG B 129 -5.94 -29.02 5.37
C ARG B 129 -4.96 -30.17 5.52
N ASN B 130 -3.81 -30.08 4.87
CA ASN B 130 -2.79 -31.12 4.96
C ASN B 130 -2.28 -31.26 6.38
N PHE B 131 -2.17 -30.13 7.11
CA PHE B 131 -1.70 -30.17 8.48
C PHE B 131 -2.61 -30.98 9.40
N ILE B 132 -3.94 -30.68 9.41
CA ILE B 132 -4.87 -31.39 10.26
C ILE B 132 -5.15 -32.82 9.80
N ARG B 133 -4.92 -33.15 8.51
CA ARG B 133 -5.13 -34.51 8.00
C ARG B 133 -4.04 -35.48 8.40
N ASN B 134 -2.82 -34.96 8.59
CA ASN B 134 -1.64 -35.72 8.93
C ASN B 134 -1.83 -36.41 10.27
N GLU B 135 -1.84 -37.76 10.26
CA GLU B 135 -2.04 -38.57 11.46
C GLU B 135 -0.94 -38.39 12.50
N THR B 136 0.26 -37.95 12.09
CA THR B 136 1.34 -37.71 13.04
C THR B 136 1.12 -36.42 13.85
N HIS B 137 0.27 -35.49 13.35
CA HIS B 137 -0.02 -34.25 14.06
C HIS B 137 -1.13 -34.49 15.06
N ASN B 138 -1.09 -33.82 16.21
CA ASN B 138 -2.12 -34.01 17.24
C ASN B 138 -2.74 -32.70 17.74
N PRO B 139 -3.36 -31.87 16.86
CA PRO B 139 -4.00 -30.65 17.37
C PRO B 139 -5.26 -31.04 18.13
N THR B 140 -5.44 -30.47 19.30
CA THR B 140 -6.61 -30.74 20.13
C THR B 140 -7.85 -30.03 19.52
N VAL B 141 -9.06 -30.29 20.07
CA VAL B 141 -10.28 -29.62 19.63
C VAL B 141 -10.15 -28.10 19.83
N LYS B 142 -9.60 -27.65 20.98
CA LYS B 142 -9.41 -26.22 21.24
C LYS B 142 -8.48 -25.57 20.19
N ASP B 143 -7.39 -26.26 19.79
CA ASP B 143 -6.47 -25.74 18.77
C ASP B 143 -7.23 -25.53 17.45
N LEU B 144 -8.08 -26.50 17.05
CA LEU B 144 -8.87 -26.45 15.84
C LEU B 144 -9.84 -25.28 15.88
N ILE B 145 -10.52 -25.05 17.02
CA ILE B 145 -11.43 -23.90 17.18
C ILE B 145 -10.64 -22.62 17.06
N GLY B 146 -9.45 -22.57 17.66
CA GLY B 146 -8.55 -21.44 17.58
C GLY B 146 -8.13 -21.16 16.14
N PHE B 147 -7.90 -22.22 15.34
CA PHE B 147 -7.56 -22.01 13.90
C PHE B 147 -8.77 -21.32 13.19
N GLY B 148 -9.98 -21.72 13.53
CA GLY B 148 -11.20 -21.16 12.96
C GLY B 148 -11.40 -19.71 13.32
N LEU B 149 -11.06 -19.35 14.56
CA LEU B 149 -11.14 -17.99 15.04
C LEU B 149 -10.15 -17.08 14.30
N GLN B 150 -8.93 -17.59 14.07
CA GLN B 150 -7.92 -16.86 13.33
C GLN B 150 -8.38 -16.64 11.89
N VAL B 151 -9.02 -17.66 11.28
CA VAL B 151 -9.56 -17.50 9.91
C VAL B 151 -10.63 -16.43 9.91
N ALA B 152 -11.52 -16.48 10.92
CA ALA B 152 -12.57 -15.47 11.03
C ALA B 152 -12.02 -14.05 11.14
N LYS B 153 -10.91 -13.87 11.85
CA LYS B 153 -10.28 -12.54 11.97
C LYS B 153 -9.67 -12.06 10.67
N GLY B 154 -9.09 -12.97 9.91
CA GLY B 154 -8.52 -12.60 8.61
C GLY B 154 -9.64 -12.22 7.66
N MET B 155 -10.74 -13.00 7.68
CA MET B 155 -11.86 -12.74 6.80
C MET B 155 -12.58 -11.45 7.21
N LYS B 156 -12.65 -11.15 8.52
CA LYS B 156 -13.25 -9.88 8.97
C LYS B 156 -12.46 -8.70 8.37
N TYR B 157 -11.13 -8.82 8.39
CA TYR B 157 -10.26 -7.84 7.75
C TYR B 157 -10.53 -7.72 6.25
N LEU B 158 -10.52 -8.85 5.51
CA LEU B 158 -10.75 -8.79 4.06
C LEU B 158 -12.12 -8.21 3.73
N ALA B 159 -13.17 -8.61 4.49
CA ALA B 159 -14.53 -8.09 4.24
C ALA B 159 -14.56 -6.58 4.48
N SER B 160 -13.78 -6.08 5.45
CA SER B 160 -13.71 -4.64 5.70
C SER B 160 -13.14 -3.87 4.49
N LYS B 161 -12.33 -4.54 3.66
CA LYS B 161 -11.77 -3.96 2.45
C LYS B 161 -12.64 -4.24 1.20
N LYS B 162 -13.83 -4.88 1.38
CA LYS B 162 -14.73 -5.32 0.29
C LYS B 162 -14.00 -6.29 -0.64
N PHE B 163 -13.16 -7.16 -0.07
CA PHE B 163 -12.43 -8.15 -0.84
C PHE B 163 -13.20 -9.45 -0.65
N VAL B 164 -13.76 -9.95 -1.74
CA VAL B 164 -14.56 -11.16 -1.70
C VAL B 164 -13.62 -12.26 -2.12
N HIS B 165 -13.32 -13.17 -1.22
CA HIS B 165 -12.36 -14.24 -1.47
C HIS B 165 -12.77 -15.18 -2.64
N ARG B 166 -14.01 -15.71 -2.60
CA ARG B 166 -14.56 -16.66 -3.57
C ARG B 166 -13.99 -18.07 -3.44
N ASP B 167 -12.85 -18.27 -2.75
CA ASP B 167 -12.25 -19.60 -2.65
C ASP B 167 -11.82 -19.98 -1.25
N LEU B 168 -12.56 -19.54 -0.23
CA LEU B 168 -12.19 -19.87 1.14
C LEU B 168 -12.39 -21.37 1.39
N ALA B 169 -11.36 -22.02 1.91
CA ALA B 169 -11.36 -23.44 2.22
C ALA B 169 -10.10 -23.72 3.03
N ALA B 170 -10.05 -24.85 3.79
CA ALA B 170 -8.89 -25.16 4.61
C ALA B 170 -7.60 -25.25 3.80
N ARG B 171 -7.69 -25.68 2.54
CA ARG B 171 -6.50 -25.81 1.68
C ARG B 171 -5.87 -24.46 1.33
N ASN B 172 -6.67 -23.37 1.39
CA ASN B 172 -6.20 -22.03 1.08
C ASN B 172 -5.75 -21.24 2.27
N CYS B 173 -5.65 -21.86 3.47
CA CYS B 173 -5.19 -21.19 4.66
C CYS B 173 -3.84 -21.78 5.00
N MET B 174 -2.84 -20.92 5.28
CA MET B 174 -1.49 -21.42 5.58
C MET B 174 -1.15 -21.29 7.08
N LEU B 175 -0.20 -22.08 7.54
CA LEU B 175 0.24 -22.03 8.92
C LEU B 175 1.70 -21.60 8.93
N ASP B 176 2.02 -20.52 9.64
CA ASP B 176 3.39 -20.04 9.72
C ASP B 176 4.21 -20.80 10.82
N GLU B 177 5.46 -20.38 11.09
CA GLU B 177 6.32 -21.06 12.07
C GLU B 177 5.81 -21.05 13.52
N LYS B 178 4.91 -20.11 13.86
CA LYS B 178 4.29 -19.99 15.19
C LYS B 178 2.85 -20.58 15.21
N PHE B 179 2.47 -21.31 14.15
CA PHE B 179 1.15 -21.91 13.95
C PHE B 179 0.04 -20.85 13.87
N THR B 180 0.39 -19.64 13.39
CA THR B 180 -0.57 -18.56 13.13
C THR B 180 -1.18 -18.86 11.73
N VAL B 181 -2.50 -18.85 11.61
CA VAL B 181 -3.17 -19.13 10.34
C VAL B 181 -3.21 -17.89 9.46
N LYS B 182 -2.92 -18.04 8.16
CA LYS B 182 -2.97 -16.90 7.25
C LYS B 182 -3.89 -17.24 6.08
N VAL B 183 -4.92 -16.43 5.87
CA VAL B 183 -5.84 -16.63 4.75
C VAL B 183 -5.05 -16.34 3.46
N ALA B 184 -5.12 -17.22 2.49
CA ALA B 184 -4.34 -17.07 1.25
C ALA B 184 -5.19 -17.63 0.05
N ASP B 185 -4.61 -17.75 -1.17
CA ASP B 185 -5.35 -18.27 -2.30
C ASP B 185 -4.32 -18.96 -3.17
N PHE B 186 -4.27 -20.29 -3.10
CA PHE B 186 -3.34 -21.06 -3.90
C PHE B 186 -4.01 -21.70 -5.12
N GLY B 187 -5.03 -21.04 -5.65
CA GLY B 187 -5.72 -21.56 -6.83
C GLY B 187 -5.41 -20.74 -8.06
N LEU B 188 -6.36 -20.72 -9.01
CA LEU B 188 -6.25 -19.95 -10.24
C LEU B 188 -6.12 -18.48 -9.92
N ALA B 189 -5.58 -17.68 -10.87
CA ALA B 189 -5.48 -16.25 -10.72
C ALA B 189 -6.86 -15.63 -10.43
N ARG B 190 -6.89 -14.59 -9.57
CA ARG B 190 -8.15 -13.94 -9.25
C ARG B 190 -8.72 -13.24 -10.46
N VAL B 191 -10.04 -13.21 -10.55
CA VAL B 191 -10.73 -12.51 -11.63
C VAL B 191 -11.40 -11.27 -11.06
N MET B 192 -11.63 -10.27 -11.90
CA MET B 192 -12.30 -9.06 -11.45
C MET B 192 -13.80 -9.31 -11.28
N TYR B 193 -14.43 -9.91 -12.29
CA TYR B 193 -15.88 -10.13 -12.27
C TYR B 193 -16.28 -11.56 -12.00
N ASP B 194 -17.38 -11.74 -11.28
CA ASP B 194 -17.90 -13.04 -10.91
C ASP B 194 -18.14 -13.94 -12.11
N LYS B 195 -18.65 -13.42 -13.24
CA LYS B 195 -18.86 -14.28 -14.41
C LYS B 195 -17.55 -14.90 -14.93
N GLU B 196 -16.44 -14.17 -14.83
CA GLU B 196 -15.14 -14.68 -15.27
C GLU B 196 -14.65 -15.84 -14.41
N TYR B 197 -15.09 -15.93 -13.13
CA TYR B 197 -14.71 -17.04 -12.25
C TYR B 197 -15.17 -18.40 -12.79
N TYR B 198 -16.44 -18.50 -13.21
CA TYR B 198 -16.99 -19.75 -13.72
C TYR B 198 -16.34 -20.12 -15.06
N SER B 199 -16.21 -19.13 -15.94
CA SER B 199 -15.66 -19.24 -17.27
C SER B 199 -14.21 -19.73 -17.22
N VAL B 200 -13.37 -19.13 -16.36
CA VAL B 200 -11.98 -19.54 -16.23
C VAL B 200 -11.84 -20.97 -15.66
N HIS B 201 -12.71 -21.36 -14.71
CA HIS B 201 -12.66 -22.73 -14.18
C HIS B 201 -12.92 -23.76 -15.30
N ASN B 202 -13.89 -23.46 -16.18
CA ASN B 202 -14.26 -24.36 -17.26
C ASN B 202 -13.11 -24.42 -18.28
N LYS B 203 -12.56 -23.24 -18.65
CA LYS B 203 -11.44 -23.16 -19.61
C LYS B 203 -10.20 -23.91 -19.17
N THR B 204 -9.91 -23.92 -17.84
CA THR B 204 -8.70 -24.54 -17.31
C THR B 204 -8.89 -25.96 -16.81
N GLY B 205 -10.11 -26.45 -16.71
CA GLY B 205 -10.36 -27.78 -16.15
C GLY B 205 -10.15 -27.82 -14.63
N ALA B 206 -10.31 -26.66 -13.97
CA ALA B 206 -10.19 -26.60 -12.52
C ALA B 206 -11.62 -26.76 -12.01
N LYS B 207 -11.83 -27.73 -11.12
CA LYS B 207 -13.18 -27.96 -10.59
C LYS B 207 -13.68 -26.74 -9.81
N LEU B 208 -14.97 -26.39 -9.97
CA LEU B 208 -15.56 -25.32 -9.17
C LEU B 208 -15.65 -25.93 -7.75
N PRO B 209 -15.33 -25.17 -6.70
CA PRO B 209 -15.38 -25.76 -5.35
C PRO B 209 -16.85 -25.77 -4.86
N VAL B 210 -17.70 -26.46 -5.60
CA VAL B 210 -19.14 -26.58 -5.37
C VAL B 210 -19.51 -26.87 -3.92
N LYS B 211 -18.79 -27.77 -3.26
CA LYS B 211 -19.12 -28.15 -1.90
C LYS B 211 -18.75 -27.10 -0.84
N TRP B 212 -18.11 -26.00 -1.24
CA TRP B 212 -17.80 -24.88 -0.36
C TRP B 212 -18.65 -23.66 -0.77
N MET B 213 -19.34 -23.70 -1.91
CA MET B 213 -20.10 -22.58 -2.41
C MET B 213 -21.46 -22.38 -1.76
N ALA B 214 -21.82 -21.10 -1.65
CA ALA B 214 -23.12 -20.74 -1.12
C ALA B 214 -24.21 -21.16 -2.08
N LEU B 215 -25.41 -21.38 -1.57
CA LEU B 215 -26.55 -21.77 -2.41
C LEU B 215 -26.78 -20.78 -3.54
N GLU B 216 -26.75 -19.47 -3.25
CA GLU B 216 -26.99 -18.47 -4.27
C GLU B 216 -25.88 -18.44 -5.33
N SER B 217 -24.63 -18.83 -4.96
CA SER B 217 -23.52 -18.87 -5.92
C SER B 217 -23.67 -20.08 -6.87
N LEU B 218 -24.30 -21.18 -6.41
CA LEU B 218 -24.58 -22.34 -7.25
C LEU B 218 -25.71 -22.07 -8.26
N GLN B 219 -26.64 -21.14 -7.93
CA GLN B 219 -27.82 -20.84 -8.71
C GLN B 219 -27.64 -19.64 -9.63
N THR B 220 -26.83 -18.66 -9.21
CA THR B 220 -26.54 -17.46 -9.98
C THR B 220 -25.00 -17.29 -10.04
N GLN B 221 -24.52 -16.43 -10.94
CA GLN B 221 -23.07 -16.25 -11.07
C GLN B 221 -22.62 -15.12 -10.18
N LYS B 222 -22.70 -15.31 -8.86
CA LYS B 222 -22.38 -14.22 -7.94
C LYS B 222 -21.76 -14.65 -6.63
N PHE B 223 -20.87 -13.80 -6.12
CA PHE B 223 -20.16 -14.01 -4.87
C PHE B 223 -20.17 -12.71 -4.11
N THR B 224 -20.30 -12.79 -2.79
CA THR B 224 -20.33 -11.60 -1.92
C THR B 224 -19.58 -12.02 -0.63
N THR B 225 -19.37 -11.07 0.32
CA THR B 225 -18.82 -11.47 1.63
C THR B 225 -19.78 -12.48 2.32
N LYS B 226 -21.09 -12.44 2.02
CA LYS B 226 -22.06 -13.39 2.57
C LYS B 226 -21.86 -14.80 2.03
N SER B 227 -21.35 -14.94 0.79
CA SER B 227 -21.07 -16.28 0.29
C SER B 227 -19.72 -16.78 0.84
N ASP B 228 -18.78 -15.86 1.16
CA ASP B 228 -17.56 -16.22 1.85
C ASP B 228 -17.93 -16.74 3.24
N VAL B 229 -18.95 -16.15 3.90
CA VAL B 229 -19.41 -16.65 5.21
C VAL B 229 -19.87 -18.10 5.11
N TRP B 230 -20.61 -18.45 4.03
CA TRP B 230 -21.00 -19.85 3.80
C TRP B 230 -19.76 -20.75 3.73
N SER B 231 -18.78 -20.41 2.87
CA SER B 231 -17.54 -21.20 2.71
C SER B 231 -16.83 -21.31 4.06
N PHE B 232 -16.82 -20.23 4.85
CA PHE B 232 -16.23 -20.24 6.20
C PHE B 232 -16.85 -21.33 7.08
N GLY B 233 -18.18 -21.49 7.02
CA GLY B 233 -18.85 -22.55 7.77
C GLY B 233 -18.35 -23.93 7.37
N VAL B 234 -18.15 -24.16 6.04
CA VAL B 234 -17.61 -25.43 5.52
C VAL B 234 -16.17 -25.59 6.02
N LEU B 235 -15.37 -24.51 6.01
CA LEU B 235 -14.00 -24.56 6.52
C LEU B 235 -13.99 -24.94 8.03
N LEU B 236 -14.96 -24.41 8.83
CA LEU B 236 -15.06 -24.83 10.26
C LEU B 236 -15.35 -26.33 10.33
N TRP B 237 -16.22 -26.83 9.44
CA TRP B 237 -16.53 -28.25 9.40
C TRP B 237 -15.27 -29.07 9.05
N GLU B 238 -14.47 -28.60 8.07
CA GLU B 238 -13.20 -29.27 7.72
C GLU B 238 -12.28 -29.30 8.93
N LEU B 239 -12.20 -28.19 9.67
CA LEU B 239 -11.39 -28.15 10.88
C LEU B 239 -11.83 -29.16 11.94
N MET B 240 -13.14 -29.24 12.21
CA MET B 240 -13.65 -30.13 13.25
C MET B 240 -13.64 -31.63 12.85
N THR B 241 -13.49 -31.93 11.54
CA THR B 241 -13.37 -33.33 11.11
C THR B 241 -11.90 -33.70 10.79
N ARG B 242 -10.96 -32.81 11.08
CA ARG B 242 -9.54 -32.98 10.76
C ARG B 242 -9.34 -33.20 9.27
N GLY B 243 -10.03 -32.40 8.47
CA GLY B 243 -9.85 -32.42 7.02
C GLY B 243 -10.58 -33.47 6.23
N ALA B 244 -11.76 -33.90 6.69
CA ALA B 244 -12.56 -34.86 5.94
C ALA B 244 -13.17 -34.15 4.71
N PRO B 245 -13.36 -34.86 3.60
CA PRO B 245 -14.01 -34.24 2.44
C PRO B 245 -15.48 -33.99 2.78
N PRO B 246 -16.02 -32.79 2.49
CA PRO B 246 -17.45 -32.55 2.80
C PRO B 246 -18.37 -33.29 1.84
N TYR B 247 -19.54 -33.71 2.32
CA TYR B 247 -20.57 -34.42 1.53
C TYR B 247 -19.99 -35.60 0.68
N PRO B 248 -19.28 -36.57 1.27
CA PRO B 248 -18.64 -37.63 0.47
C PRO B 248 -19.58 -38.47 -0.39
N ASP B 249 -20.82 -38.58 0.05
CA ASP B 249 -21.81 -39.39 -0.64
C ASP B 249 -22.79 -38.59 -1.49
N VAL B 250 -22.58 -37.27 -1.60
CA VAL B 250 -23.41 -36.43 -2.43
C VAL B 250 -22.65 -36.17 -3.72
N ASN B 251 -23.32 -36.40 -4.85
CA ASN B 251 -22.80 -36.17 -6.17
C ASN B 251 -22.71 -34.65 -6.32
N THR B 252 -21.61 -34.15 -6.89
CA THR B 252 -21.39 -32.73 -7.11
C THR B 252 -22.54 -32.03 -7.83
N PHE B 253 -23.18 -32.70 -8.79
CA PHE B 253 -24.29 -32.09 -9.52
C PHE B 253 -25.58 -31.98 -8.67
N ASP B 254 -25.70 -32.79 -7.63
CA ASP B 254 -26.88 -32.83 -6.75
C ASP B 254 -26.76 -31.91 -5.53
N ILE B 255 -25.62 -31.22 -5.35
CA ILE B 255 -25.42 -30.37 -4.18
C ILE B 255 -26.50 -29.29 -4.04
N THR B 256 -26.89 -28.60 -5.13
CA THR B 256 -27.94 -27.58 -5.00
C THR B 256 -29.27 -28.16 -4.45
N VAL B 257 -29.71 -29.30 -5.00
CA VAL B 257 -30.94 -29.94 -4.53
C VAL B 257 -30.81 -30.42 -3.10
N TYR B 258 -29.65 -30.96 -2.74
CA TYR B 258 -29.42 -31.41 -1.35
C TYR B 258 -29.60 -30.23 -0.35
N LEU B 259 -29.05 -29.07 -0.70
CA LEU B 259 -29.17 -27.87 0.13
C LEU B 259 -30.60 -27.35 0.10
N LEU B 260 -31.26 -27.41 -1.06
CA LEU B 260 -32.65 -26.95 -1.18
C LEU B 260 -33.63 -27.85 -0.41
N GLN B 261 -33.27 -29.13 -0.19
CA GLN B 261 -34.08 -30.01 0.66
C GLN B 261 -33.89 -29.69 2.16
N GLY B 262 -33.05 -28.69 2.48
CA GLY B 262 -32.74 -28.25 3.84
C GLY B 262 -31.72 -29.11 4.53
N ARG B 263 -30.96 -29.92 3.76
CA ARG B 263 -29.95 -30.79 4.35
C ARG B 263 -28.62 -30.05 4.42
N ARG B 264 -27.81 -30.41 5.42
CA ARG B 264 -26.54 -29.75 5.65
C ARG B 264 -25.53 -30.76 6.12
N LEU B 265 -24.24 -30.39 6.16
CA LEU B 265 -23.18 -31.20 6.74
C LEU B 265 -23.54 -31.51 8.19
N LEU B 266 -23.34 -32.76 8.61
CA LEU B 266 -23.73 -33.16 9.96
C LEU B 266 -22.69 -32.74 10.97
N GLN B 267 -23.09 -32.71 12.23
CA GLN B 267 -22.20 -32.31 13.30
C GLN B 267 -21.08 -33.28 13.47
N PRO B 268 -19.83 -32.81 13.31
CA PRO B 268 -18.67 -33.69 13.54
C PRO B 268 -18.65 -34.20 14.97
N GLU B 269 -18.18 -35.44 15.15
CA GLU B 269 -18.11 -36.13 16.43
C GLU B 269 -17.65 -35.26 17.60
N TYR B 270 -16.49 -34.60 17.50
CA TYR B 270 -15.99 -33.81 18.63
C TYR B 270 -16.28 -32.31 18.54
N CYS B 271 -17.15 -31.89 17.61
CA CYS B 271 -17.52 -30.49 17.48
C CYS B 271 -18.47 -30.03 18.61
N PRO B 272 -18.11 -28.98 19.35
CA PRO B 272 -19.02 -28.46 20.39
C PRO B 272 -20.35 -27.98 19.79
N ASP B 273 -21.46 -28.23 20.52
CA ASP B 273 -22.79 -27.83 20.03
C ASP B 273 -22.89 -26.35 19.65
N PRO B 274 -22.34 -25.39 20.43
CA PRO B 274 -22.48 -23.98 20.03
C PRO B 274 -21.70 -23.66 18.75
N LEU B 275 -20.60 -24.37 18.48
CA LEU B 275 -19.80 -24.21 17.27
C LEU B 275 -20.57 -24.81 16.08
N TYR B 276 -21.30 -25.93 16.29
CA TYR B 276 -22.13 -26.51 15.22
C TYR B 276 -23.27 -25.55 14.87
N GLU B 277 -23.84 -24.86 15.88
CA GLU B 277 -24.87 -23.85 15.66
C GLU B 277 -24.33 -22.72 14.81
N VAL B 278 -23.08 -22.30 15.04
CA VAL B 278 -22.43 -21.26 14.23
C VAL B 278 -22.34 -21.73 12.77
N MET B 279 -21.97 -22.99 12.54
CA MET B 279 -21.90 -23.53 11.17
C MET B 279 -23.27 -23.45 10.48
N LEU B 280 -24.35 -23.83 11.22
CA LEU B 280 -25.68 -23.77 10.64
C LEU B 280 -26.07 -22.36 10.28
N LYS B 281 -25.67 -21.36 11.07
CA LYS B 281 -26.02 -19.96 10.72
C LYS B 281 -25.25 -19.52 9.48
N CYS B 282 -24.00 -20.00 9.32
CA CYS B 282 -23.20 -19.69 8.12
C CYS B 282 -23.86 -20.23 6.86
N TRP B 283 -24.63 -21.32 6.99
CA TRP B 283 -25.31 -21.92 5.85
C TRP B 283 -26.78 -21.55 5.76
N HIS B 284 -27.17 -20.38 6.30
CA HIS B 284 -28.57 -19.94 6.21
C HIS B 284 -28.92 -19.75 4.72
N PRO B 285 -30.06 -20.26 4.24
CA PRO B 285 -30.37 -20.09 2.80
C PRO B 285 -30.55 -18.64 2.40
N LYS B 286 -30.85 -17.74 3.36
CA LYS B 286 -30.95 -16.32 3.06
C LYS B 286 -29.63 -15.66 3.41
N ALA B 287 -28.88 -15.22 2.39
CA ALA B 287 -27.57 -14.62 2.60
C ALA B 287 -27.55 -13.47 3.59
N GLU B 288 -28.55 -12.59 3.53
CA GLU B 288 -28.61 -11.44 4.43
C GLU B 288 -28.82 -11.83 5.91
N MET B 289 -29.25 -13.08 6.18
CA MET B 289 -29.46 -13.55 7.56
C MET B 289 -28.23 -14.27 8.13
N ARG B 290 -27.18 -14.49 7.31
CA ARG B 290 -25.95 -15.10 7.78
C ARG B 290 -25.19 -14.11 8.65
N PRO B 291 -24.46 -14.61 9.65
CA PRO B 291 -23.67 -13.70 10.46
C PRO B 291 -22.57 -13.06 9.64
N SER B 292 -22.15 -11.88 10.07
CA SER B 292 -21.01 -11.24 9.44
C SER B 292 -19.76 -11.86 10.05
N PHE B 293 -18.60 -11.63 9.42
CA PHE B 293 -17.34 -12.11 9.99
C PHE B 293 -17.07 -11.43 11.35
N SER B 294 -17.49 -10.17 11.52
CA SER B 294 -17.35 -9.49 12.82
C SER B 294 -18.16 -10.24 13.90
N GLU B 295 -19.40 -10.65 13.60
CA GLU B 295 -20.22 -11.43 14.55
C GLU B 295 -19.56 -12.80 14.79
N LEU B 296 -18.97 -13.40 13.74
CA LEU B 296 -18.32 -14.71 13.87
C LEU B 296 -17.10 -14.62 14.78
N VAL B 297 -16.31 -13.56 14.67
CA VAL B 297 -15.15 -13.33 15.54
C VAL B 297 -15.65 -13.22 16.99
N SER B 298 -16.66 -12.37 17.24
CA SER B 298 -17.22 -12.23 18.59
C SER B 298 -17.72 -13.55 19.17
N ARG B 299 -18.50 -14.32 18.39
CA ARG B 299 -19.09 -15.58 18.89
C ARG B 299 -18.05 -16.68 19.07
N ILE B 300 -17.18 -16.87 18.06
CA ILE B 300 -16.15 -17.90 18.14
C ILE B 300 -15.14 -17.53 19.24
N SER B 301 -14.88 -16.24 19.47
CA SER B 301 -14.03 -15.80 20.59
C SER B 301 -14.64 -16.27 21.93
N ALA B 302 -15.95 -16.03 22.13
CA ALA B 302 -16.67 -16.45 23.33
C ALA B 302 -16.61 -18.00 23.48
N ILE B 303 -16.85 -18.74 22.39
CA ILE B 303 -16.76 -20.20 22.41
C ILE B 303 -15.36 -20.67 22.80
N PHE B 304 -14.33 -20.17 22.09
CA PHE B 304 -12.94 -20.54 22.34
C PHE B 304 -12.49 -20.20 23.77
N SER B 305 -12.85 -19.02 24.25
CA SER B 305 -12.47 -18.52 25.58
C SER B 305 -13.07 -19.30 26.72
N THR B 306 -14.22 -19.93 26.53
CA THR B 306 -14.84 -20.73 27.58
C THR B 306 -14.73 -22.24 27.32
N PHE B 307 -13.92 -22.66 26.34
CA PHE B 307 -13.80 -24.07 26.00
C PHE B 307 -12.78 -24.77 26.91
N ILE B 308 -13.20 -25.92 27.48
CA ILE B 308 -12.34 -26.73 28.34
C ILE B 308 -11.69 -27.81 27.51
N GLY B 309 -10.40 -27.70 27.33
CA GLY B 309 -9.64 -28.67 26.56
C GLY B 309 -8.41 -28.07 25.89
#